data_6BOD
#
_entry.id   6BOD
#
_cell.length_a   134.314
_cell.length_b   134.314
_cell.length_c   85.275
_cell.angle_alpha   90.000
_cell.angle_beta   90.000
_cell.angle_gamma   120.000
#
_symmetry.space_group_name_H-M   'P 32 2 1'
#
loop_
_entity.id
_entity.type
_entity.pdbx_description
1 polymer 'Serine/threonine-protein kinase TBK1'
2 non-polymer 'ethyl 2-amino-5-oxo-7-(propan-2-yl)-5H-[1]benzopyrano[2,3-b]pyridine-3-carboxylate'
#
_entity_poly.entity_id   1
_entity_poly.type   'polypeptide(L)'
_entity_poly.pdbx_seq_one_letter_code
;SNAMQSTSNHLWLLSDILGQGATANVFRGRHKKTGDLFAIKVFNNISFLRPVDVQMREFEVLKKLNHKNIVKLFAIEEET
TTRHKVLIMEFCPCGSLYTVLEEPSNAYGLPESEFLIVLRDVVGGMNHLRENGIVHRDIKPGNIMRVIGEDGQSVYKLTD
FGAARELEDDEQFVSLYGTEEYLHPDMYERAVLRKDHQKKYGATVDLWSIGVTFYHAATGSLPFRPFEGPRRNKEVMYKI
ITGKPSGAISGVQKAENGPIDWSGDMPVSCSLSRGLQVLLTPVLANILEADQEKCWGFDQFFAETSDILHRMVIHVFSLQ
QMTAHKIYIHSYNTATIFHELVYKQTKIISSNQELIYEGRRLVLEPGRLAQHFPKTTEENPIFVVSREPLNTIGLIYEKI
SLPKVHPRYDLDGDASMAKAITGVVCYACRIASTLLLYQELMRKGIRWLIELIKDDYNETVHKKTEVVITLDFCIRNIEK
TVKVYEKLMKINLEAAELGEISDIHTKLLRLSSSQGTIETSLQDIDSRLSPGGSLADAWAHQEGTHPKDRNVEKLQVLLN
CMTEIYYQFKKDKAERRLAYNEEQIHKFDKQKLYYHATKAMTHFTDECVKKYEAFLNKSEEWIRKMLHLRKQLLSLTNQC
FDIEEEVSKYQEYTNELQET
;
_entity_poly.pdbx_strand_id   A
#
loop_
_chem_comp.id
_chem_comp.type
_chem_comp.name
_chem_comp.formula
E0P non-polymer 'ethyl 2-amino-5-oxo-7-(propan-2-yl)-5H-[1]benzopyrano[2,3-b]pyridine-3-carboxylate' 'C18 H18 N2 O4'
#
# COMPACT_ATOMS: atom_id res chain seq x y z
N ALA A 3 -25.12 0.13 41.08
CA ALA A 3 -26.48 0.10 40.54
C ALA A 3 -26.51 -0.61 39.19
N MET A 4 -27.66 -1.18 38.85
CA MET A 4 -27.82 -1.87 37.57
C MET A 4 -29.29 -1.94 37.21
N GLN A 5 -29.62 -1.59 35.97
CA GLN A 5 -30.96 -1.72 35.43
C GLN A 5 -31.08 -3.04 34.67
N SER A 6 -32.33 -3.41 34.34
CA SER A 6 -32.57 -4.70 33.71
C SER A 6 -33.93 -4.70 33.06
N THR A 7 -34.13 -5.67 32.17
CA THR A 7 -35.37 -5.96 31.50
C THR A 7 -35.83 -7.36 31.89
N SER A 8 -36.62 -8.02 31.04
CA SER A 8 -37.05 -9.38 31.32
C SER A 8 -35.94 -10.39 31.04
N ASN A 9 -35.09 -10.10 30.04
CA ASN A 9 -34.05 -11.02 29.62
C ASN A 9 -32.63 -10.48 29.75
N HIS A 10 -32.45 -9.20 30.03
CA HIS A 10 -31.12 -8.60 30.07
C HIS A 10 -30.94 -7.80 31.35
N LEU A 11 -29.67 -7.51 31.66
CA LEU A 11 -29.33 -6.63 32.76
C LEU A 11 -27.98 -6.00 32.48
N TRP A 12 -27.74 -4.84 33.10
CA TRP A 12 -26.55 -4.06 32.80
C TRP A 12 -26.26 -3.11 33.95
N LEU A 13 -24.98 -2.94 34.26
CA LEU A 13 -24.56 -1.97 35.28
C LEU A 13 -24.62 -0.56 34.70
N LEU A 14 -24.01 0.38 35.40
CA LEU A 14 -23.88 1.76 34.92
C LEU A 14 -22.43 2.17 34.66
N SER A 15 -21.45 1.50 35.27
CA SER A 15 -20.06 1.82 34.98
C SER A 15 -19.66 1.33 33.60
N ASP A 16 -20.30 0.29 33.09
CA ASP A 16 -20.06 -0.22 31.74
C ASP A 16 -20.83 0.56 30.70
N ILE A 17 -20.72 1.88 30.75
CA ILE A 17 -21.44 2.78 29.87
C ILE A 17 -20.62 3.05 28.63
N LEU A 18 -21.28 3.10 27.48
CA LEU A 18 -20.61 3.37 26.21
C LEU A 18 -21.09 4.63 25.53
N GLY A 19 -22.31 5.08 25.79
CA GLY A 19 -22.82 6.30 25.19
C GLY A 19 -24.07 6.77 25.89
N GLN A 20 -24.32 8.07 25.78
CA GLN A 20 -25.48 8.67 26.42
C GLN A 20 -25.98 9.85 25.60
N GLY A 21 -27.30 9.91 25.40
CA GLY A 21 -27.92 11.05 24.77
C GLY A 21 -29.03 11.61 25.64
N ALA A 22 -29.94 12.38 25.04
CA ALA A 22 -31.09 12.92 25.75
C ALA A 22 -32.33 12.06 25.61
N THR A 23 -32.46 11.32 24.50
CA THR A 23 -33.59 10.43 24.30
C THR A 23 -33.28 8.98 24.64
N ALA A 24 -32.00 8.61 24.73
CA ALA A 24 -31.62 7.23 25.01
C ALA A 24 -30.24 7.22 25.63
N ASN A 25 -29.89 6.08 26.23
CA ASN A 25 -28.59 5.87 26.85
C ASN A 25 -28.10 4.48 26.52
N VAL A 26 -26.86 4.38 26.07
CA VAL A 26 -26.30 3.12 25.56
C VAL A 26 -25.25 2.61 26.55
N PHE A 27 -25.48 1.41 27.07
CA PHE A 27 -24.49 0.69 27.86
C PHE A 27 -24.32 -0.71 27.29
N ARG A 28 -23.37 -1.45 27.85
CA ARG A 28 -23.20 -2.87 27.52
C ARG A 28 -23.79 -3.70 28.66
N GLY A 29 -24.39 -4.83 28.30
CA GLY A 29 -25.06 -5.67 29.27
C GLY A 29 -25.00 -7.13 28.86
N ARG A 30 -25.58 -7.97 29.70
CA ARG A 30 -25.60 -9.41 29.51
C ARG A 30 -27.03 -9.90 29.27
N HIS A 31 -27.15 -11.20 29.00
CA HIS A 31 -28.44 -11.87 28.89
C HIS A 31 -28.63 -12.73 30.13
N LYS A 32 -29.81 -12.63 30.74
CA LYS A 32 -30.07 -13.34 32.00
C LYS A 32 -29.93 -14.85 31.83
N LYS A 33 -30.29 -15.38 30.67
CA LYS A 33 -30.34 -16.83 30.47
C LYS A 33 -29.11 -17.38 29.74
N THR A 34 -28.36 -16.54 29.02
CA THR A 34 -27.20 -17.00 28.26
C THR A 34 -25.89 -16.36 28.70
N GLY A 35 -25.90 -15.11 29.12
CA GLY A 35 -24.69 -14.44 29.54
C GLY A 35 -23.91 -13.76 28.43
N ASP A 36 -24.41 -13.76 27.20
CA ASP A 36 -23.73 -13.11 26.10
C ASP A 36 -23.78 -11.59 26.27
N LEU A 37 -22.86 -10.91 25.59
CA LEU A 37 -22.78 -9.46 25.65
C LEU A 37 -23.63 -8.83 24.55
N PHE A 38 -24.32 -7.75 24.91
CA PHE A 38 -25.19 -7.03 23.98
C PHE A 38 -25.11 -5.55 24.25
N ALA A 39 -25.37 -4.75 23.21
CA ALA A 39 -25.54 -3.32 23.35
C ALA A 39 -27.00 -3.02 23.66
N ILE A 40 -27.22 -2.09 24.59
CA ILE A 40 -28.56 -1.79 25.10
C ILE A 40 -28.77 -0.29 25.03
N LYS A 41 -29.79 0.13 24.28
CA LYS A 41 -30.13 1.54 24.11
C LYS A 41 -31.42 1.80 24.88
N VAL A 42 -31.26 2.25 26.13
CA VAL A 42 -32.39 2.50 27.02
C VAL A 42 -32.97 3.86 26.65
N PHE A 43 -34.07 3.87 25.89
CA PHE A 43 -34.67 5.12 25.48
C PHE A 43 -35.30 5.83 26.66
N ASN A 44 -34.90 7.09 26.85
CA ASN A 44 -35.35 7.88 27.99
C ASN A 44 -36.23 9.04 27.55
N VAL A 54 -46.83 4.41 17.16
CA VAL A 54 -46.12 5.60 17.61
C VAL A 54 -44.70 5.56 17.04
N GLN A 55 -43.70 5.54 17.92
CA GLN A 55 -42.31 5.47 17.49
C GLN A 55 -41.89 4.05 17.14
N MET A 56 -42.61 3.04 17.62
CA MET A 56 -42.29 1.65 17.31
C MET A 56 -42.44 1.33 15.83
N ARG A 57 -43.10 2.21 15.07
CA ARG A 57 -43.31 1.94 13.64
C ARG A 57 -41.98 1.79 12.92
N GLU A 58 -41.08 2.76 13.08
CA GLU A 58 -39.77 2.67 12.44
C GLU A 58 -38.83 1.74 13.19
N PHE A 59 -39.07 1.49 14.48
CA PHE A 59 -38.28 0.49 15.19
C PHE A 59 -38.52 -0.91 14.63
N GLU A 60 -39.76 -1.21 14.25
CA GLU A 60 -40.08 -2.54 13.75
C GLU A 60 -39.49 -2.77 12.37
N VAL A 61 -39.62 -1.79 11.48
CA VAL A 61 -39.09 -1.95 10.12
C VAL A 61 -37.56 -1.98 10.14
N LEU A 62 -36.95 -1.34 11.13
CA LEU A 62 -35.50 -1.46 11.29
C LEU A 62 -35.11 -2.81 11.87
N LYS A 63 -35.98 -3.38 12.70
CA LYS A 63 -35.73 -4.71 13.27
C LYS A 63 -35.76 -5.81 12.22
N LYS A 64 -36.48 -5.60 11.11
CA LYS A 64 -36.57 -6.57 10.03
C LYS A 64 -35.30 -6.63 9.17
N LEU A 65 -34.41 -5.65 9.29
CA LEU A 65 -33.22 -5.62 8.45
C LEU A 65 -32.30 -6.79 8.75
N ASN A 66 -31.48 -7.14 7.74
CA ASN A 66 -30.55 -8.27 7.86
C ASN A 66 -29.48 -8.10 6.78
N HIS A 67 -28.35 -7.50 7.14
CA HIS A 67 -27.23 -7.33 6.22
C HIS A 67 -25.93 -7.50 6.98
N LYS A 68 -24.89 -7.90 6.25
CA LYS A 68 -23.60 -8.17 6.88
C LYS A 68 -22.96 -6.90 7.43
N ASN A 69 -23.17 -5.77 6.74
CA ASN A 69 -22.54 -4.51 7.09
C ASN A 69 -23.48 -3.59 7.87
N ILE A 70 -24.44 -4.15 8.60
CA ILE A 70 -25.39 -3.39 9.39
C ILE A 70 -25.43 -3.98 10.79
N VAL A 71 -25.31 -3.11 11.81
CA VAL A 71 -25.44 -3.54 13.19
C VAL A 71 -26.85 -4.08 13.40
N LYS A 72 -26.95 -5.39 13.62
CA LYS A 72 -28.25 -6.07 13.63
C LYS A 72 -28.97 -5.76 14.93
N LEU A 73 -30.08 -5.03 14.82
CA LEU A 73 -30.96 -4.77 15.97
C LEU A 73 -31.72 -6.04 16.29
N PHE A 74 -31.39 -6.66 17.43
CA PHE A 74 -31.97 -7.96 17.79
C PHE A 74 -33.42 -7.83 18.21
N ALA A 75 -33.67 -7.41 19.45
CA ALA A 75 -35.02 -7.36 19.98
C ALA A 75 -35.24 -6.05 20.72
N ILE A 76 -36.43 -5.90 21.30
CA ILE A 76 -36.83 -4.71 22.03
C ILE A 76 -37.64 -5.15 23.24
N GLU A 77 -37.29 -4.63 24.41
CA GLU A 77 -37.90 -5.05 25.67
C GLU A 77 -38.18 -3.83 26.53
N GLU A 78 -38.81 -4.07 27.68
CA GLU A 78 -39.15 -3.03 28.64
C GLU A 78 -38.29 -3.17 29.89
N GLU A 79 -37.85 -2.04 30.43
CA GLU A 79 -37.06 -2.04 31.65
C GLU A 79 -37.96 -2.33 32.86
N THR A 80 -37.33 -2.68 33.98
CA THR A 80 -38.08 -3.10 35.17
C THR A 80 -38.61 -1.91 35.96
N THR A 81 -37.71 -1.06 36.46
CA THR A 81 -38.12 0.09 37.26
C THR A 81 -39.05 0.99 36.46
N THR A 82 -38.49 1.71 35.49
CA THR A 82 -39.30 2.44 34.51
C THR A 82 -39.61 1.52 33.35
N ARG A 83 -40.77 1.73 32.73
CA ARG A 83 -41.12 0.99 31.51
C ARG A 83 -40.40 1.54 30.28
N HIS A 84 -39.13 1.90 30.42
CA HIS A 84 -38.37 2.47 29.32
C HIS A 84 -38.19 1.44 28.21
N LYS A 85 -38.63 1.79 27.01
CA LYS A 85 -38.44 0.93 25.84
C LYS A 85 -36.96 0.88 25.50
N VAL A 86 -36.34 -0.29 25.64
CA VAL A 86 -34.92 -0.46 25.37
C VAL A 86 -34.75 -1.22 24.06
N LEU A 87 -33.61 -1.01 23.43
CA LEU A 87 -33.24 -1.71 22.20
C LEU A 87 -31.99 -2.53 22.45
N ILE A 88 -32.06 -3.82 22.16
CA ILE A 88 -30.92 -4.72 22.28
C ILE A 88 -30.25 -4.81 20.91
N MET A 89 -28.96 -4.49 20.86
CA MET A 89 -28.19 -4.47 19.63
C MET A 89 -26.97 -5.36 19.77
N GLU A 90 -26.26 -5.53 18.66
CA GLU A 90 -25.06 -6.35 18.64
C GLU A 90 -23.89 -5.58 19.24
N PHE A 91 -23.11 -6.25 20.08
CA PHE A 91 -21.99 -5.62 20.77
C PHE A 91 -20.73 -5.72 19.91
N CYS A 92 -19.99 -4.62 19.85
CA CYS A 92 -18.76 -4.51 19.05
C CYS A 92 -17.59 -4.28 20.00
N PRO A 93 -16.92 -5.34 20.44
CA PRO A 93 -15.82 -5.16 21.43
C PRO A 93 -14.65 -4.35 20.89
N CYS A 94 -14.41 -4.37 19.59
CA CYS A 94 -13.28 -3.64 19.02
C CYS A 94 -13.55 -2.15 18.86
N GLY A 95 -14.76 -1.69 19.09
CA GLY A 95 -15.07 -0.28 19.02
C GLY A 95 -15.47 0.16 17.63
N SER A 96 -15.32 1.46 17.39
CA SER A 96 -15.70 2.09 16.14
C SER A 96 -14.48 2.35 15.27
N LEU A 97 -14.74 2.79 14.03
CA LEU A 97 -13.65 3.16 13.14
C LEU A 97 -12.87 4.34 13.68
N TYR A 98 -13.56 5.27 14.36
CA TYR A 98 -12.86 6.36 15.02
C TYR A 98 -11.88 5.85 16.07
N THR A 99 -12.23 4.75 16.75
CA THR A 99 -11.30 4.15 17.71
C THR A 99 -10.10 3.54 17.01
N VAL A 100 -10.33 2.88 15.87
CA VAL A 100 -9.24 2.24 15.14
C VAL A 100 -8.28 3.30 14.60
N LEU A 101 -8.80 4.45 14.17
CA LEU A 101 -7.96 5.51 13.62
C LEU A 101 -7.15 6.24 14.67
N GLU A 102 -7.31 5.91 15.96
CA GLU A 102 -6.54 6.56 17.02
C GLU A 102 -5.38 5.72 17.51
N GLU A 103 -5.34 4.43 17.19
CA GLU A 103 -4.17 3.63 17.51
C GLU A 103 -2.97 4.15 16.73
N PRO A 104 -1.82 4.36 17.38
CA PRO A 104 -0.68 4.96 16.67
C PRO A 104 -0.21 4.16 15.46
N SER A 105 -0.58 2.88 15.36
CA SER A 105 -0.24 2.11 14.16
C SER A 105 -0.95 2.67 12.93
N ASN A 106 -2.09 3.33 13.11
CA ASN A 106 -2.84 3.93 12.02
C ASN A 106 -2.85 5.45 12.12
N ALA A 107 -1.78 6.03 12.68
CA ALA A 107 -1.73 7.48 12.85
C ALA A 107 -1.58 8.20 11.51
N TYR A 108 -0.91 7.57 10.54
CA TYR A 108 -0.70 8.16 9.22
C TYR A 108 -1.41 7.39 8.12
N GLY A 109 -2.44 6.64 8.46
CA GLY A 109 -3.22 5.91 7.48
C GLY A 109 -3.36 4.44 7.80
N LEU A 110 -4.51 3.88 7.43
CA LEU A 110 -4.76 2.47 7.61
C LEU A 110 -3.94 1.64 6.62
N PRO A 111 -3.68 0.37 6.94
CA PRO A 111 -3.11 -0.53 5.94
C PRO A 111 -4.04 -0.68 4.75
N GLU A 112 -3.46 -1.12 3.63
CA GLU A 112 -4.23 -1.20 2.39
C GLU A 112 -5.35 -2.23 2.49
N SER A 113 -5.04 -3.42 3.02
CA SER A 113 -6.06 -4.46 3.14
C SER A 113 -7.22 -4.00 4.01
N GLU A 114 -6.92 -3.33 5.13
CA GLU A 114 -7.98 -2.84 6.00
C GLU A 114 -8.75 -1.70 5.35
N PHE A 115 -8.08 -0.88 4.53
CA PHE A 115 -8.78 0.21 3.84
C PHE A 115 -9.78 -0.33 2.83
N LEU A 116 -9.38 -1.35 2.06
CA LEU A 116 -10.31 -1.96 1.11
C LEU A 116 -11.48 -2.64 1.83
N ILE A 117 -11.24 -3.15 3.03
CA ILE A 117 -12.32 -3.71 3.82
C ILE A 117 -13.32 -2.62 4.20
N VAL A 118 -12.82 -1.46 4.63
CA VAL A 118 -13.70 -0.36 5.00
C VAL A 118 -14.51 0.10 3.79
N LEU A 119 -13.83 0.34 2.67
CA LEU A 119 -14.53 0.79 1.46
C LEU A 119 -15.57 -0.22 1.01
N ARG A 120 -15.28 -1.51 1.15
CA ARG A 120 -16.23 -2.53 0.73
C ARG A 120 -17.46 -2.55 1.62
N ASP A 121 -17.25 -2.62 2.94
CA ASP A 121 -18.37 -2.75 3.86
C ASP A 121 -19.21 -1.49 3.94
N VAL A 122 -18.59 -0.32 3.83
CA VAL A 122 -19.34 0.93 3.91
C VAL A 122 -20.22 1.12 2.67
N VAL A 123 -19.67 0.84 1.49
CA VAL A 123 -20.45 0.98 0.26
C VAL A 123 -21.57 -0.05 0.22
N GLY A 124 -21.29 -1.28 0.65
CA GLY A 124 -22.33 -2.30 0.68
C GLY A 124 -23.43 -1.99 1.68
N GLY A 125 -23.06 -1.39 2.81
CA GLY A 125 -24.07 -1.04 3.81
C GLY A 125 -24.93 0.12 3.37
N MET A 126 -24.33 1.14 2.76
CA MET A 126 -25.10 2.29 2.30
C MET A 126 -26.02 1.90 1.14
N ASN A 127 -25.52 1.08 0.21
CA ASN A 127 -26.37 0.59 -0.87
C ASN A 127 -27.55 -0.19 -0.32
N HIS A 128 -27.32 -0.98 0.73
CA HIS A 128 -28.41 -1.74 1.33
C HIS A 128 -29.43 -0.83 2.02
N LEU A 129 -28.98 0.33 2.49
CA LEU A 129 -29.91 1.27 3.12
C LEU A 129 -30.73 2.03 2.08
N ARG A 130 -30.09 2.49 1.00
CA ARG A 130 -30.84 3.10 -0.08
C ARG A 130 -31.74 2.09 -0.78
N GLU A 131 -31.33 0.81 -0.81
CA GLU A 131 -32.14 -0.21 -1.44
C GLU A 131 -33.44 -0.43 -0.68
N ASN A 132 -33.43 -0.25 0.64
CA ASN A 132 -34.63 -0.35 1.46
C ASN A 132 -35.20 1.02 1.85
N GLY A 133 -34.54 2.10 1.45
CA GLY A 133 -35.07 3.44 1.68
C GLY A 133 -34.88 3.97 3.09
N ILE A 134 -33.62 4.04 3.54
CA ILE A 134 -33.29 4.60 4.85
C ILE A 134 -32.23 5.67 4.65
N VAL A 135 -32.47 6.85 5.22
CA VAL A 135 -31.58 7.99 5.08
C VAL A 135 -30.65 8.05 6.28
N HIS A 136 -29.40 8.43 6.03
CA HIS A 136 -28.41 8.63 7.09
C HIS A 136 -27.69 9.93 6.81
N ARG A 137 -27.77 10.87 7.75
CA ARG A 137 -27.20 12.20 7.52
C ARG A 137 -25.68 12.21 7.71
N ASP A 138 -25.21 11.85 8.90
CA ASP A 138 -23.81 12.00 9.29
C ASP A 138 -23.15 10.62 9.35
N ILE A 139 -22.64 10.17 8.20
CA ILE A 139 -21.84 8.95 8.16
C ILE A 139 -20.41 9.33 8.49
N LYS A 140 -19.92 8.85 9.63
CA LYS A 140 -18.60 9.23 10.12
C LYS A 140 -17.88 8.00 10.67
N PRO A 141 -16.57 8.08 10.94
CA PRO A 141 -15.90 6.94 11.59
C PRO A 141 -16.50 6.55 12.93
N GLY A 142 -17.22 7.45 13.59
CA GLY A 142 -17.89 7.08 14.83
C GLY A 142 -19.11 6.22 14.62
N ASN A 143 -19.77 6.35 13.46
CA ASN A 143 -20.95 5.57 13.14
C ASN A 143 -20.62 4.24 12.46
N ILE A 144 -19.34 3.95 12.23
CA ILE A 144 -18.90 2.72 11.59
C ILE A 144 -18.23 1.86 12.66
N MET A 145 -18.81 0.70 12.92
CA MET A 145 -18.32 -0.20 13.97
C MET A 145 -17.47 -1.29 13.38
N ARG A 146 -16.57 -1.83 14.21
CA ARG A 146 -15.67 -2.90 13.82
C ARG A 146 -15.97 -4.15 14.64
N VAL A 147 -16.15 -5.28 13.96
CA VAL A 147 -16.41 -6.55 14.61
C VAL A 147 -15.56 -7.62 13.92
N ILE A 148 -14.91 -8.47 14.70
CA ILE A 148 -14.03 -9.49 14.14
C ILE A 148 -14.87 -10.56 13.45
N GLY A 149 -14.54 -10.85 12.20
CA GLY A 149 -15.23 -11.87 11.45
C GLY A 149 -14.75 -13.26 11.80
N GLU A 150 -15.46 -14.25 11.26
CA GLU A 150 -15.12 -15.65 11.52
C GLU A 150 -13.77 -16.04 10.92
N ASP A 151 -13.28 -15.29 9.94
CA ASP A 151 -11.99 -15.56 9.32
C ASP A 151 -10.88 -14.64 9.84
N GLY A 152 -11.07 -14.06 11.02
CA GLY A 152 -10.08 -13.18 11.60
C GLY A 152 -10.02 -11.78 11.02
N GLN A 153 -10.62 -11.55 9.86
CA GLN A 153 -10.57 -10.24 9.23
C GLN A 153 -11.67 -9.34 9.79
N SER A 154 -11.40 -8.04 9.80
CA SER A 154 -12.34 -7.08 10.34
C SER A 154 -13.57 -6.96 9.45
N VAL A 155 -14.73 -6.81 10.08
CA VAL A 155 -15.99 -6.56 9.38
C VAL A 155 -16.57 -5.28 9.94
N TYR A 156 -17.00 -4.38 9.04
CA TYR A 156 -17.49 -3.07 9.43
C TYR A 156 -19.00 -2.99 9.23
N LYS A 157 -19.71 -2.57 10.27
CA LYS A 157 -21.15 -2.49 10.27
C LYS A 157 -21.60 -1.06 10.57
N LEU A 158 -22.72 -0.66 9.98
CA LEU A 158 -23.24 0.68 10.16
C LEU A 158 -24.28 0.72 11.28
N THR A 159 -24.35 1.86 11.95
CA THR A 159 -25.30 2.05 13.04
C THR A 159 -25.63 3.53 13.14
N ASP A 160 -26.60 3.84 14.01
CA ASP A 160 -27.05 5.21 14.27
C ASP A 160 -27.51 5.90 12.97
N PHE A 161 -28.62 5.38 12.45
CA PHE A 161 -29.30 5.97 11.29
C PHE A 161 -30.78 6.09 11.65
N GLY A 162 -31.13 7.20 12.28
CA GLY A 162 -32.48 7.43 12.76
C GLY A 162 -32.50 7.85 14.22
N ALA A 163 -32.72 9.12 14.47
CA ALA A 163 -32.68 9.65 15.84
C ALA A 163 -33.60 10.87 15.92
N ALA A 164 -33.46 11.62 17.00
CA ALA A 164 -34.25 12.83 17.22
C ALA A 164 -33.54 13.68 18.24
N ARG A 165 -33.23 14.93 17.87
CA ARG A 165 -32.50 15.83 18.76
C ARG A 165 -33.29 17.09 19.07
N GLU A 166 -32.61 18.16 19.42
CA GLU A 166 -33.26 19.43 19.75
C GLU A 166 -32.75 20.56 18.86
N THR A 179 -20.17 14.82 12.47
CA THR A 179 -19.86 15.83 13.47
C THR A 179 -19.84 17.21 12.84
N GLU A 180 -18.80 17.98 13.15
CA GLU A 180 -18.62 19.31 12.57
C GLU A 180 -17.71 19.27 11.35
N GLU A 181 -16.66 18.46 11.39
CA GLU A 181 -15.71 18.35 10.29
C GLU A 181 -16.23 17.50 9.15
N TYR A 182 -17.41 16.88 9.29
CA TYR A 182 -17.97 16.01 8.27
C TYR A 182 -19.27 16.57 7.69
N LEU A 183 -19.53 17.86 7.90
CA LEU A 183 -20.75 18.47 7.39
C LEU A 183 -20.51 19.08 6.01
N HIS A 184 -21.61 19.41 5.34
CA HIS A 184 -21.71 19.99 4.01
C HIS A 184 -21.60 21.51 4.08
N PRO A 185 -21.08 22.14 3.02
CA PRO A 185 -21.07 23.62 3.00
C PRO A 185 -22.44 24.25 3.17
N ASP A 186 -23.51 23.55 2.78
CA ASP A 186 -24.84 24.06 3.03
C ASP A 186 -25.22 23.94 4.50
N MET A 187 -24.68 22.94 5.20
CA MET A 187 -25.10 22.62 6.55
C MET A 187 -24.21 23.22 7.63
N TYR A 188 -22.96 23.56 7.31
CA TYR A 188 -22.03 24.00 8.37
C TYR A 188 -22.40 25.38 8.91
N GLU A 189 -23.19 26.17 8.18
CA GLU A 189 -23.74 27.39 8.76
C GLU A 189 -24.81 27.10 9.81
N ARG A 190 -25.28 25.86 9.91
CA ARG A 190 -26.42 25.51 10.75
C ARG A 190 -27.61 26.40 10.44
N ALA A 203 -26.74 9.76 0.01
CA ALA A 203 -27.05 11.00 -0.71
C ALA A 203 -25.81 11.85 -0.89
N THR A 204 -25.92 12.88 -1.74
CA THR A 204 -24.77 13.71 -2.07
C THR A 204 -24.23 14.43 -0.84
N VAL A 205 -25.12 15.01 -0.03
CA VAL A 205 -24.70 15.66 1.20
C VAL A 205 -24.03 14.65 2.13
N ASP A 206 -24.48 13.41 2.11
CA ASP A 206 -23.86 12.36 2.91
C ASP A 206 -22.59 11.82 2.25
N LEU A 207 -22.55 11.83 0.91
CA LEU A 207 -21.33 11.44 0.20
C LEU A 207 -20.16 12.37 0.52
N TRP A 208 -20.43 13.59 0.98
CA TRP A 208 -19.37 14.48 1.41
C TRP A 208 -18.65 13.90 2.63
N SER A 209 -19.39 13.53 3.66
CA SER A 209 -18.79 12.92 4.84
C SER A 209 -18.11 11.60 4.52
N ILE A 210 -18.49 10.95 3.43
CA ILE A 210 -17.82 9.73 3.00
C ILE A 210 -16.41 10.05 2.52
N GLY A 211 -16.28 11.05 1.65
CA GLY A 211 -14.97 11.44 1.16
C GLY A 211 -14.06 11.93 2.26
N VAL A 212 -14.61 12.61 3.27
CA VAL A 212 -13.80 13.03 4.41
C VAL A 212 -13.39 11.83 5.23
N THR A 213 -14.26 10.84 5.37
CA THR A 213 -13.93 9.64 6.13
C THR A 213 -12.88 8.80 5.41
N PHE A 214 -13.00 8.67 4.08
CA PHE A 214 -12.05 7.85 3.34
C PHE A 214 -10.68 8.50 3.25
N TYR A 215 -10.65 9.83 3.10
CA TYR A 215 -9.37 10.53 3.14
C TYR A 215 -8.72 10.41 4.51
N HIS A 216 -9.53 10.44 5.58
CA HIS A 216 -9.00 10.29 6.92
C HIS A 216 -8.47 8.89 7.16
N ALA A 217 -9.16 7.87 6.63
CA ALA A 217 -8.72 6.49 6.82
C ALA A 217 -7.50 6.18 5.97
N ALA A 218 -7.32 6.88 4.85
CA ALA A 218 -6.19 6.63 3.96
C ALA A 218 -4.96 7.45 4.33
N THR A 219 -5.13 8.63 4.94
CA THR A 219 -4.01 9.50 5.27
C THR A 219 -3.75 9.62 6.76
N GLY A 220 -4.69 9.22 7.61
CA GLY A 220 -4.54 9.39 9.04
C GLY A 220 -4.79 10.80 9.54
N SER A 221 -5.23 11.72 8.68
CA SER A 221 -5.46 13.09 9.07
C SER A 221 -6.68 13.64 8.32
N LEU A 222 -7.18 14.76 8.81
CA LEU A 222 -8.34 15.38 8.18
C LEU A 222 -7.93 16.11 6.90
N PRO A 223 -8.82 16.16 5.91
CA PRO A 223 -8.44 16.81 4.64
C PRO A 223 -8.37 18.33 4.73
N PHE A 224 -9.27 18.95 5.48
CA PHE A 224 -9.37 20.40 5.57
C PHE A 224 -9.04 20.81 7.01
N ARG A 225 -7.77 21.13 7.25
CA ARG A 225 -7.29 21.43 8.60
C ARG A 225 -6.92 22.90 8.72
N PRO A 226 -7.66 23.71 9.50
CA PRO A 226 -7.19 25.06 9.80
C PRO A 226 -6.05 25.01 10.81
N PHE A 227 -5.53 26.16 11.22
CA PHE A 227 -4.51 26.18 12.25
C PHE A 227 -5.14 25.87 13.60
N GLU A 228 -4.52 24.94 14.34
CA GLU A 228 -5.06 24.38 15.59
C GLU A 228 -6.40 23.72 15.28
N GLY A 229 -7.28 23.63 16.28
CA GLY A 229 -8.52 22.90 16.15
C GLY A 229 -9.52 23.55 15.22
N PRO A 230 -10.16 22.74 14.37
CA PRO A 230 -11.26 23.26 13.54
C PRO A 230 -12.44 23.76 14.34
N ARG A 231 -12.61 23.28 15.57
CA ARG A 231 -13.66 23.81 16.44
C ARG A 231 -13.38 25.26 16.83
N ARG A 232 -12.11 25.66 16.82
CA ARG A 232 -11.75 27.04 17.16
C ARG A 232 -11.95 27.97 15.97
N ASN A 233 -11.31 27.64 14.84
CA ASN A 233 -11.46 28.42 13.61
C ASN A 233 -12.60 27.84 12.76
N LYS A 234 -13.80 27.82 13.33
CA LYS A 234 -14.97 27.37 12.59
C LYS A 234 -15.28 28.30 11.44
N GLU A 235 -14.95 29.59 11.56
CA GLU A 235 -15.17 30.52 10.46
C GLU A 235 -14.19 30.28 9.32
N VAL A 236 -12.96 29.86 9.64
CA VAL A 236 -11.99 29.56 8.59
C VAL A 236 -12.37 28.25 7.90
N MET A 237 -13.02 27.33 8.61
CA MET A 237 -13.44 26.08 8.00
C MET A 237 -14.42 26.32 6.86
N TYR A 238 -15.32 27.29 7.02
CA TYR A 238 -16.25 27.63 5.94
C TYR A 238 -15.52 28.21 4.73
N LYS A 239 -14.41 28.90 4.96
CA LYS A 239 -13.60 29.39 3.85
C LYS A 239 -12.99 28.23 3.06
N ILE A 240 -12.51 27.21 3.76
CA ILE A 240 -11.83 26.10 3.11
C ILE A 240 -12.82 25.23 2.33
N ILE A 241 -14.05 25.09 2.85
CA ILE A 241 -15.00 24.18 2.23
C ILE A 241 -15.65 24.80 1.00
N THR A 242 -16.25 25.98 1.16
CA THR A 242 -16.92 26.62 0.03
C THR A 242 -15.93 27.09 -1.01
N GLY A 243 -14.78 27.61 -0.58
CA GLY A 243 -13.79 28.12 -1.51
C GLY A 243 -12.83 27.05 -2.00
N LYS A 244 -13.26 25.80 -1.98
CA LYS A 244 -12.41 24.71 -2.42
C LYS A 244 -12.29 24.72 -3.94
N PRO A 245 -11.09 24.81 -4.50
CA PRO A 245 -10.95 24.68 -5.95
C PRO A 245 -11.30 23.28 -6.42
N SER A 246 -11.86 23.20 -7.62
CA SER A 246 -12.30 21.91 -8.15
C SER A 246 -11.09 21.00 -8.40
N GLY A 247 -11.27 19.72 -8.08
CA GLY A 247 -10.23 18.73 -8.24
C GLY A 247 -9.34 18.52 -7.03
N ALA A 248 -9.22 19.52 -6.17
CA ALA A 248 -8.40 19.38 -4.96
C ALA A 248 -9.19 18.70 -3.85
N ILE A 249 -8.47 18.03 -2.96
CA ILE A 249 -9.11 17.23 -1.91
C ILE A 249 -8.59 17.62 -0.54
N SER A 250 -7.55 18.45 -0.48
CA SER A 250 -6.95 18.81 0.79
C SER A 250 -6.67 20.32 0.85
N GLY A 251 -6.77 20.87 2.05
CA GLY A 251 -6.48 22.27 2.31
C GLY A 251 -6.09 22.50 3.75
N VAL A 252 -4.81 22.81 4.00
CA VAL A 252 -4.27 22.89 5.34
C VAL A 252 -3.69 24.28 5.59
N GLN A 253 -3.98 24.83 6.77
CA GLN A 253 -3.40 26.09 7.22
C GLN A 253 -2.34 25.76 8.27
N LYS A 254 -1.08 25.81 7.87
CA LYS A 254 0.03 25.41 8.72
C LYS A 254 0.62 26.55 9.54
N ALA A 255 -0.03 27.72 9.57
CA ALA A 255 0.49 28.84 10.32
C ALA A 255 -0.66 29.65 10.90
N GLU A 256 -0.34 30.43 11.94
CA GLU A 256 -1.31 31.30 12.58
C GLU A 256 -1.83 32.35 11.61
N ASN A 257 -3.10 32.24 11.22
CA ASN A 257 -3.72 33.15 10.26
C ASN A 257 -2.96 33.17 8.94
N GLY A 258 -2.36 32.04 8.57
CA GLY A 258 -1.55 31.96 7.37
C GLY A 258 -2.35 31.58 6.15
N PRO A 259 -1.68 30.98 5.16
CA PRO A 259 -2.37 30.60 3.93
C PRO A 259 -3.02 29.23 4.02
N ILE A 260 -3.35 28.65 2.87
CA ILE A 260 -3.94 27.32 2.79
C ILE A 260 -3.25 26.56 1.66
N ASP A 261 -2.65 25.42 1.99
CA ASP A 261 -1.97 24.58 1.01
C ASP A 261 -2.98 23.61 0.41
N TRP A 262 -3.21 23.73 -0.90
CA TRP A 262 -4.16 22.89 -1.62
C TRP A 262 -3.42 21.77 -2.34
N SER A 263 -4.11 20.65 -2.53
CA SER A 263 -3.53 19.50 -3.23
C SER A 263 -4.65 18.56 -3.65
N GLY A 264 -4.61 18.12 -4.90
CA GLY A 264 -5.48 17.08 -5.37
C GLY A 264 -4.74 15.76 -5.42
N ASP A 265 -3.76 15.60 -4.52
CA ASP A 265 -2.91 14.42 -4.49
C ASP A 265 -2.71 13.99 -3.04
N MET A 266 -2.48 12.70 -2.86
CA MET A 266 -2.29 12.17 -1.51
C MET A 266 -0.93 12.60 -0.97
N PRO A 267 -0.82 12.76 0.36
CA PRO A 267 0.46 13.12 0.95
C PRO A 267 1.46 11.98 0.83
N VAL A 268 2.73 12.32 1.07
CA VAL A 268 3.80 11.34 0.95
C VAL A 268 3.70 10.28 2.05
N SER A 269 3.11 10.65 3.20
CA SER A 269 2.98 9.72 4.31
C SER A 269 1.82 8.75 4.14
N CYS A 270 1.16 8.75 2.98
CA CYS A 270 0.02 7.86 2.77
C CYS A 270 0.48 6.40 2.75
N SER A 271 -0.28 5.55 3.44
CA SER A 271 0.10 4.14 3.57
C SER A 271 -0.26 3.32 2.34
N LEU A 272 -1.15 3.80 1.50
CA LEU A 272 -1.54 3.08 0.30
C LEU A 272 -0.45 3.16 -0.76
N SER A 273 -0.50 2.24 -1.71
CA SER A 273 0.42 2.30 -2.84
C SER A 273 -0.10 3.27 -3.89
N ARG A 274 0.82 3.71 -4.76
CA ARG A 274 0.46 4.68 -5.79
C ARG A 274 -0.60 4.11 -6.73
N GLY A 275 -0.60 2.79 -6.94
CA GLY A 275 -1.61 2.17 -7.78
C GLY A 275 -3.02 2.34 -7.24
N LEU A 276 -3.15 2.43 -5.91
CA LEU A 276 -4.45 2.66 -5.29
C LEU A 276 -4.77 4.14 -5.17
N GLN A 277 -3.77 4.99 -4.96
CA GLN A 277 -4.02 6.43 -4.86
C GLN A 277 -4.51 7.01 -6.17
N VAL A 278 -4.00 6.51 -7.30
CA VAL A 278 -4.43 7.03 -8.60
C VAL A 278 -5.88 6.66 -8.88
N LEU A 279 -6.35 5.53 -8.37
CA LEU A 279 -7.74 5.14 -8.53
C LEU A 279 -8.65 5.73 -7.46
N LEU A 280 -8.10 6.12 -6.32
CA LEU A 280 -8.91 6.65 -5.22
C LEU A 280 -9.06 8.16 -5.28
N THR A 281 -8.04 8.88 -5.75
CA THR A 281 -8.08 10.34 -5.76
C THR A 281 -9.23 10.90 -6.59
N PRO A 282 -9.45 10.49 -7.85
CA PRO A 282 -10.58 11.08 -8.62
C PRO A 282 -11.93 10.84 -7.98
N VAL A 283 -12.09 9.75 -7.22
CA VAL A 283 -13.34 9.53 -6.50
C VAL A 283 -13.56 10.63 -5.46
N LEU A 284 -12.53 10.88 -4.64
CA LEU A 284 -12.65 11.90 -3.60
C LEU A 284 -12.84 13.29 -4.20
N ALA A 285 -12.11 13.59 -5.28
CA ALA A 285 -12.16 14.93 -5.85
C ALA A 285 -13.54 15.24 -6.44
N ASN A 286 -14.25 14.22 -6.91
CA ASN A 286 -15.54 14.42 -7.56
C ASN A 286 -16.73 14.09 -6.69
N ILE A 287 -16.50 13.60 -5.47
CA ILE A 287 -17.58 13.49 -4.48
C ILE A 287 -17.52 14.60 -3.45
N LEU A 288 -16.37 15.25 -3.28
CA LEU A 288 -16.24 16.43 -2.43
C LEU A 288 -16.48 17.73 -3.19
N GLU A 289 -17.20 17.67 -4.31
CA GLU A 289 -17.46 18.88 -5.08
C GLU A 289 -18.38 19.81 -4.30
N ALA A 290 -18.03 21.08 -4.27
CA ALA A 290 -18.76 22.08 -3.48
C ALA A 290 -20.22 22.18 -3.91
N ASP A 291 -20.45 22.73 -5.11
CA ASP A 291 -21.81 22.83 -5.63
C ASP A 291 -22.39 21.43 -5.82
N GLN A 292 -23.46 21.13 -5.07
CA GLN A 292 -24.06 19.80 -5.09
C GLN A 292 -24.66 19.44 -6.44
N GLU A 293 -24.71 20.37 -7.39
CA GLU A 293 -25.17 20.03 -8.73
C GLU A 293 -24.18 19.15 -9.47
N LYS A 294 -22.89 19.27 -9.15
CA LYS A 294 -21.84 18.50 -9.82
C LYS A 294 -21.19 17.48 -8.90
N CYS A 295 -21.89 17.04 -7.85
CA CYS A 295 -21.44 15.88 -7.11
C CYS A 295 -21.55 14.64 -8.00
N TRP A 296 -20.77 13.62 -7.66
CA TRP A 296 -20.65 12.46 -8.54
C TRP A 296 -21.96 11.68 -8.64
N GLY A 297 -22.82 11.76 -7.63
CA GLY A 297 -24.04 10.98 -7.62
C GLY A 297 -23.78 9.55 -7.19
N PHE A 298 -24.70 8.97 -6.41
CA PHE A 298 -24.46 7.66 -5.83
C PHE A 298 -24.38 6.56 -6.88
N ASP A 299 -25.12 6.70 -7.99
CA ASP A 299 -25.12 5.67 -9.02
C ASP A 299 -23.75 5.49 -9.64
N GLN A 300 -23.19 6.58 -10.19
CA GLN A 300 -21.83 6.53 -10.71
C GLN A 300 -20.81 6.32 -9.61
N PHE A 301 -21.13 6.71 -8.37
CA PHE A 301 -20.23 6.44 -7.25
C PHE A 301 -20.15 4.95 -6.95
N PHE A 302 -21.30 4.29 -6.80
CA PHE A 302 -21.31 2.85 -6.55
C PHE A 302 -20.66 2.08 -7.69
N ALA A 303 -20.75 2.60 -8.92
CA ALA A 303 -20.15 1.90 -10.06
C ALA A 303 -18.64 2.02 -10.03
N GLU A 304 -18.12 3.23 -9.80
CA GLU A 304 -16.68 3.43 -9.79
C GLU A 304 -16.02 2.75 -8.58
N THR A 305 -16.74 2.65 -7.45
CA THR A 305 -16.18 1.96 -6.30
C THR A 305 -16.15 0.46 -6.51
N SER A 306 -17.26 -0.11 -7.02
CA SER A 306 -17.29 -1.53 -7.32
C SER A 306 -16.27 -1.89 -8.39
N ASP A 307 -15.95 -0.96 -9.29
CA ASP A 307 -14.89 -1.18 -10.26
C ASP A 307 -13.55 -1.39 -9.58
N ILE A 308 -13.27 -0.61 -8.53
CA ILE A 308 -12.00 -0.72 -7.82
C ILE A 308 -11.98 -2.00 -6.99
N LEU A 309 -13.10 -2.34 -6.36
CA LEU A 309 -13.13 -3.51 -5.47
C LEU A 309 -13.06 -4.81 -6.25
N HIS A 310 -13.62 -4.86 -7.46
CA HIS A 310 -13.61 -6.07 -8.27
C HIS A 310 -12.25 -6.33 -8.91
N ARG A 311 -11.26 -5.48 -8.70
CA ARG A 311 -9.93 -5.65 -9.27
C ARG A 311 -9.08 -6.56 -8.39
N MET A 312 -8.09 -7.20 -9.01
CA MET A 312 -7.08 -7.97 -8.32
C MET A 312 -5.77 -7.20 -8.31
N VAL A 313 -4.88 -7.57 -7.39
CA VAL A 313 -3.63 -6.88 -7.18
C VAL A 313 -2.48 -7.75 -7.68
N ILE A 314 -1.53 -7.14 -8.38
CA ILE A 314 -0.35 -7.82 -8.89
C ILE A 314 0.86 -7.06 -8.39
N HIS A 315 1.70 -7.72 -7.59
CA HIS A 315 2.88 -7.09 -7.03
C HIS A 315 4.02 -7.11 -8.05
N VAL A 316 4.52 -5.93 -8.40
CA VAL A 316 5.64 -5.78 -9.33
C VAL A 316 6.72 -4.94 -8.67
N PHE A 317 7.97 -5.28 -8.94
CA PHE A 317 9.12 -4.58 -8.35
C PHE A 317 10.08 -4.19 -9.46
N SER A 318 10.27 -2.88 -9.66
CA SER A 318 11.22 -2.38 -10.65
C SER A 318 12.63 -2.53 -10.08
N LEU A 319 13.44 -3.38 -10.69
CA LEU A 319 14.77 -3.66 -10.16
C LEU A 319 15.76 -2.53 -10.45
N GLN A 320 15.63 -1.87 -11.60
CA GLN A 320 16.54 -0.78 -11.93
C GLN A 320 16.18 0.51 -11.21
N GLN A 321 14.90 0.72 -10.91
CA GLN A 321 14.45 1.88 -10.17
C GLN A 321 14.37 1.63 -8.67
N MET A 322 14.43 0.36 -8.24
CA MET A 322 14.32 -0.02 -6.83
C MET A 322 13.03 0.52 -6.21
N THR A 323 11.90 0.20 -6.86
CA THR A 323 10.59 0.64 -6.41
C THR A 323 9.61 -0.51 -6.47
N ALA A 324 8.81 -0.65 -5.41
CA ALA A 324 7.74 -1.63 -5.38
C ALA A 324 6.45 -1.00 -5.87
N HIS A 325 5.61 -1.82 -6.50
CA HIS A 325 4.38 -1.33 -7.11
C HIS A 325 3.27 -2.37 -6.95
N LYS A 326 2.04 -1.88 -6.94
CA LYS A 326 0.84 -2.73 -6.89
C LYS A 326 -0.07 -2.32 -8.03
N ILE A 327 -0.24 -3.21 -9.00
CA ILE A 327 -1.08 -2.93 -10.17
C ILE A 327 -2.49 -3.45 -9.87
N TYR A 328 -3.46 -2.54 -9.93
CA TYR A 328 -4.87 -2.87 -9.74
C TYR A 328 -5.50 -3.07 -11.12
N ILE A 329 -5.83 -4.32 -11.45
CA ILE A 329 -6.31 -4.69 -12.77
C ILE A 329 -7.46 -5.68 -12.63
N HIS A 330 -8.44 -5.58 -13.51
CA HIS A 330 -9.59 -6.47 -13.45
C HIS A 330 -9.19 -7.89 -13.82
N SER A 331 -10.01 -8.84 -13.38
CA SER A 331 -9.75 -10.26 -13.62
C SER A 331 -9.89 -10.66 -15.08
N TYR A 332 -10.40 -9.78 -15.93
CA TYR A 332 -10.62 -10.09 -17.34
C TYR A 332 -9.75 -9.27 -18.29
N ASN A 333 -8.94 -8.35 -17.79
CA ASN A 333 -8.08 -7.57 -18.67
C ASN A 333 -6.92 -8.43 -19.20
N THR A 334 -6.30 -7.94 -20.27
CA THR A 334 -5.20 -8.64 -20.91
C THR A 334 -3.86 -8.13 -20.40
N ALA A 335 -2.79 -8.80 -20.82
CA ALA A 335 -1.45 -8.40 -20.43
C ALA A 335 -1.03 -7.09 -21.07
N THR A 336 -1.64 -6.71 -22.19
CA THR A 336 -1.33 -5.42 -22.81
C THR A 336 -1.72 -4.28 -21.89
N ILE A 337 -2.93 -4.35 -21.31
CA ILE A 337 -3.35 -3.35 -20.33
C ILE A 337 -2.45 -3.42 -19.09
N PHE A 338 -1.99 -4.61 -18.74
CA PHE A 338 -1.07 -4.74 -17.61
C PHE A 338 0.23 -4.00 -17.87
N HIS A 339 0.77 -4.10 -19.09
CA HIS A 339 1.98 -3.37 -19.43
C HIS A 339 1.73 -1.85 -19.44
N GLU A 340 0.51 -1.43 -19.79
CA GLU A 340 0.20 0.00 -19.76
C GLU A 340 0.13 0.51 -18.33
N LEU A 341 -0.42 -0.28 -17.42
CA LEU A 341 -0.47 0.14 -16.02
C LEU A 341 0.92 0.18 -15.40
N VAL A 342 1.79 -0.76 -15.79
CA VAL A 342 3.17 -0.72 -15.33
C VAL A 342 3.88 0.51 -15.90
N TYR A 343 3.51 0.91 -17.11
CA TYR A 343 4.06 2.14 -17.68
C TYR A 343 3.63 3.36 -16.89
N LYS A 344 2.35 3.44 -16.56
CA LYS A 344 1.85 4.61 -15.82
C LYS A 344 2.48 4.74 -14.45
N GLN A 345 2.98 3.64 -13.88
CA GLN A 345 3.65 3.68 -12.59
C GLN A 345 5.16 3.84 -12.70
N THR A 346 5.75 3.51 -13.86
CA THR A 346 7.20 3.53 -14.02
C THR A 346 7.69 4.31 -15.22
N LYS A 347 6.81 4.82 -16.08
CA LYS A 347 7.20 5.50 -17.32
C LYS A 347 8.07 4.61 -18.20
N ILE A 348 7.83 3.30 -18.16
CA ILE A 348 8.58 2.33 -18.95
C ILE A 348 7.71 1.90 -20.12
N ILE A 349 8.22 2.09 -21.34
CA ILE A 349 7.48 1.70 -22.53
C ILE A 349 7.23 0.19 -22.51
N SER A 350 6.03 -0.21 -22.92
CA SER A 350 5.65 -1.62 -22.90
C SER A 350 6.58 -2.46 -23.76
N SER A 351 7.16 -1.88 -24.81
CA SER A 351 8.07 -2.60 -25.69
C SER A 351 9.40 -2.94 -25.02
N ASN A 352 9.70 -2.35 -23.88
CA ASN A 352 10.95 -2.60 -23.17
C ASN A 352 10.76 -3.34 -21.85
N GLN A 353 9.52 -3.71 -21.51
CA GLN A 353 9.26 -4.39 -20.25
C GLN A 353 9.64 -5.86 -20.36
N GLU A 354 10.57 -6.30 -19.52
CA GLU A 354 11.01 -7.68 -19.48
C GLU A 354 10.82 -8.20 -18.06
N LEU A 355 10.16 -9.35 -17.93
CA LEU A 355 9.67 -9.82 -16.65
C LEU A 355 10.43 -11.06 -16.17
N ILE A 356 10.70 -11.11 -14.87
CA ILE A 356 11.33 -12.24 -14.20
C ILE A 356 10.42 -12.69 -13.07
N TYR A 357 10.31 -14.01 -12.87
CA TYR A 357 9.46 -14.54 -11.82
C TYR A 357 10.01 -15.88 -11.34
N GLU A 358 10.23 -15.98 -10.02
CA GLU A 358 10.70 -17.20 -9.38
C GLU A 358 11.95 -17.76 -10.06
N GLY A 359 12.87 -16.86 -10.42
CA GLY A 359 14.17 -17.23 -10.93
C GLY A 359 14.28 -17.22 -12.44
N ARG A 360 13.17 -17.46 -13.16
CA ARG A 360 13.20 -17.61 -14.60
C ARG A 360 12.49 -16.45 -15.29
N ARG A 361 12.58 -16.45 -16.61
CA ARG A 361 11.90 -15.44 -17.42
C ARG A 361 10.39 -15.55 -17.26
N LEU A 362 9.70 -14.52 -17.73
CA LEU A 362 8.24 -14.49 -17.72
C LEU A 362 7.77 -13.75 -18.96
N VAL A 363 7.24 -14.48 -19.92
CA VAL A 363 6.73 -13.91 -21.17
C VAL A 363 5.22 -13.89 -21.09
N LEU A 364 4.64 -12.68 -21.01
CA LEU A 364 3.19 -12.53 -20.98
C LEU A 364 2.67 -12.33 -22.40
N GLU A 365 1.84 -13.26 -22.86
CA GLU A 365 1.22 -13.11 -24.16
C GLU A 365 0.28 -11.91 -24.17
N PRO A 366 0.19 -11.18 -25.28
CA PRO A 366 -0.61 -9.95 -25.31
C PRO A 366 -2.10 -10.17 -25.06
N GLY A 367 -2.57 -11.41 -24.99
CA GLY A 367 -3.98 -11.66 -24.76
C GLY A 367 -4.29 -12.48 -23.52
N ARG A 368 -3.25 -12.80 -22.74
CA ARG A 368 -3.43 -13.57 -21.52
C ARG A 368 -4.21 -12.76 -20.49
N LEU A 369 -5.29 -13.35 -19.97
CA LEU A 369 -6.11 -12.67 -18.98
C LEU A 369 -5.33 -12.50 -17.68
N ALA A 370 -5.77 -11.54 -16.87
CA ALA A 370 -5.07 -11.23 -15.63
C ALA A 370 -5.25 -12.31 -14.59
N GLN A 371 -6.41 -12.99 -14.57
CA GLN A 371 -6.64 -14.03 -13.59
C GLN A 371 -5.83 -15.30 -13.84
N HIS A 372 -5.10 -15.37 -14.96
CA HIS A 372 -4.25 -16.50 -15.26
C HIS A 372 -2.77 -16.18 -15.12
N PHE A 373 -2.44 -15.01 -14.56
CA PHE A 373 -1.06 -14.68 -14.25
C PHE A 373 -0.60 -15.49 -13.03
N PRO A 374 0.71 -15.60 -12.81
CA PRO A 374 1.18 -16.20 -11.57
C PRO A 374 0.86 -15.32 -10.37
N LYS A 375 0.50 -15.96 -9.27
CA LYS A 375 0.13 -15.23 -8.06
C LYS A 375 1.34 -14.59 -7.42
N THR A 376 1.19 -13.34 -6.99
CA THR A 376 2.29 -12.55 -6.45
C THR A 376 1.93 -11.99 -5.09
N THR A 377 2.94 -11.88 -4.23
CA THR A 377 2.85 -11.25 -2.92
C THR A 377 3.88 -10.13 -2.83
N GLU A 378 3.85 -9.40 -1.70
CA GLU A 378 4.85 -8.37 -1.47
C GLU A 378 6.25 -8.97 -1.36
N GLU A 379 6.36 -10.18 -0.81
CA GLU A 379 7.65 -10.84 -0.67
C GLU A 379 8.10 -11.56 -1.92
N ASN A 380 7.18 -11.86 -2.84
CA ASN A 380 7.49 -12.60 -4.06
C ASN A 380 6.77 -11.95 -5.24
N PRO A 381 7.33 -10.87 -5.79
CA PRO A 381 6.65 -10.17 -6.88
C PRO A 381 7.22 -10.49 -8.25
N ILE A 382 6.61 -9.93 -9.29
CA ILE A 382 7.18 -9.98 -10.64
C ILE A 382 8.18 -8.86 -10.79
N PHE A 383 9.32 -9.14 -11.41
CA PHE A 383 10.38 -8.17 -11.58
C PHE A 383 10.38 -7.63 -12.99
N VAL A 384 10.31 -6.30 -13.12
CA VAL A 384 10.31 -5.62 -14.42
C VAL A 384 11.67 -4.96 -14.60
N VAL A 385 12.29 -5.20 -15.76
CA VAL A 385 13.58 -4.62 -16.11
C VAL A 385 13.56 -4.24 -17.57
N SER A 386 14.23 -3.14 -17.90
CA SER A 386 14.34 -2.66 -19.28
C SER A 386 15.79 -2.78 -19.75
N ARG A 387 15.97 -3.11 -21.03
CA ARG A 387 17.31 -3.17 -21.58
C ARG A 387 17.94 -1.79 -21.67
N GLU A 388 17.11 -0.75 -21.83
CA GLU A 388 17.59 0.62 -21.88
C GLU A 388 17.77 1.18 -20.46
N PRO A 389 18.67 2.14 -20.29
CA PRO A 389 18.96 2.62 -18.93
C PRO A 389 17.76 3.31 -18.29
N LEU A 390 17.62 3.10 -16.98
CA LEU A 390 16.58 3.72 -16.17
C LEU A 390 17.21 4.44 -15.00
N ASN A 391 16.54 5.50 -14.55
CA ASN A 391 17.02 6.24 -13.39
C ASN A 391 16.70 5.46 -12.11
N THR A 392 17.36 5.87 -11.03
CA THR A 392 17.20 5.24 -9.72
C THR A 392 16.46 6.19 -8.79
N ILE A 393 15.48 5.65 -8.06
CA ILE A 393 14.69 6.45 -7.13
C ILE A 393 14.80 5.86 -5.73
N GLY A 394 14.47 4.59 -5.59
CA GLY A 394 14.46 3.95 -4.28
C GLY A 394 13.09 4.07 -3.64
N LEU A 395 13.07 4.43 -2.36
CA LEU A 395 11.83 4.63 -1.62
C LEU A 395 11.65 6.10 -1.31
N ILE A 396 10.47 6.63 -1.61
CA ILE A 396 10.15 8.02 -1.38
C ILE A 396 9.33 8.11 -0.09
N TYR A 397 9.92 8.66 0.95
CA TYR A 397 9.24 8.87 2.23
C TYR A 397 9.54 10.28 2.73
N GLU A 398 8.64 10.79 3.56
CA GLU A 398 8.77 12.14 4.10
C GLU A 398 9.60 12.10 5.37
N LYS A 399 10.71 12.86 5.38
CA LYS A 399 11.57 12.93 6.54
C LYS A 399 10.86 13.69 7.66
N ILE A 400 10.63 13.02 8.79
CA ILE A 400 9.92 13.60 9.92
C ILE A 400 10.84 13.58 11.14
N SER A 401 10.75 14.63 11.95
CA SER A 401 11.51 14.75 13.18
C SER A 401 10.59 14.54 14.38
N LEU A 402 11.20 14.48 15.56
CA LEU A 402 10.43 14.28 16.80
C LEU A 402 9.91 15.61 17.31
N PRO A 403 8.63 15.71 17.65
CA PRO A 403 8.12 16.94 18.26
C PRO A 403 8.64 17.11 19.68
N LYS A 404 8.88 18.35 20.08
CA LYS A 404 9.40 18.62 21.41
C LYS A 404 8.35 18.30 22.47
N VAL A 405 8.80 17.67 23.55
CA VAL A 405 7.92 17.28 24.65
C VAL A 405 7.91 18.41 25.68
N HIS A 406 6.70 18.82 26.09
CA HIS A 406 6.56 19.93 27.02
C HIS A 406 6.68 19.40 28.46
N PRO A 407 7.63 19.91 29.25
CA PRO A 407 7.74 19.45 30.64
C PRO A 407 6.55 19.82 31.51
N ARG A 408 5.65 20.68 31.06
CA ARG A 408 4.50 21.06 31.86
C ARG A 408 3.56 19.88 32.03
N TYR A 409 3.10 19.68 33.27
CA TYR A 409 2.17 18.60 33.57
C TYR A 409 0.78 18.94 33.03
N ASP A 410 0.30 18.17 32.07
CA ASP A 410 -1.03 18.34 31.52
C ASP A 410 -1.52 16.97 31.08
N LEU A 411 -2.62 16.51 31.66
CA LEU A 411 -3.15 15.19 31.31
C LEU A 411 -3.55 15.14 29.83
N ASP A 412 -4.32 16.12 29.37
CA ASP A 412 -4.73 16.14 27.97
C ASP A 412 -3.56 16.46 27.06
N GLY A 413 -2.66 17.34 27.51
CA GLY A 413 -1.52 17.71 26.67
C GLY A 413 -0.53 16.58 26.50
N ASP A 414 -0.19 15.90 27.59
CA ASP A 414 0.75 14.78 27.51
C ASP A 414 0.13 13.58 26.81
N ALA A 415 -1.20 13.41 26.92
CA ALA A 415 -1.85 12.32 26.21
C ALA A 415 -1.85 12.55 24.70
N SER A 416 -2.00 13.81 24.29
CA SER A 416 -1.94 14.13 22.86
C SER A 416 -0.50 14.10 22.35
N MET A 417 0.44 14.58 23.16
CA MET A 417 1.84 14.53 22.78
C MET A 417 2.33 13.09 22.64
N ALA A 418 1.94 12.22 23.58
CA ALA A 418 2.32 10.82 23.49
C ALA A 418 1.74 10.15 22.27
N LYS A 419 0.53 10.56 21.86
CA LYS A 419 -0.09 9.96 20.68
C LYS A 419 0.66 10.35 19.41
N ALA A 420 1.05 11.62 19.30
CA ALA A 420 1.72 12.08 18.08
C ALA A 420 3.12 11.49 17.98
N ILE A 421 3.86 11.43 19.08
CA ILE A 421 5.23 10.94 19.02
C ILE A 421 5.25 9.44 18.80
N THR A 422 4.26 8.71 19.30
CA THR A 422 4.21 7.27 19.07
C THR A 422 3.84 6.97 17.62
N GLY A 423 2.99 7.79 17.01
CA GLY A 423 2.69 7.62 15.60
C GLY A 423 3.87 7.92 14.70
N VAL A 424 4.78 8.79 15.17
CA VAL A 424 6.00 9.05 14.42
C VAL A 424 6.92 7.84 14.43
N VAL A 425 7.06 7.21 15.60
CA VAL A 425 7.89 6.01 15.70
C VAL A 425 7.23 4.86 14.94
N CYS A 426 5.90 4.81 14.91
CA CYS A 426 5.22 3.84 14.06
C CYS A 426 5.57 4.06 12.59
N TYR A 427 5.63 5.33 12.16
CA TYR A 427 6.04 5.63 10.80
C TYR A 427 7.49 5.23 10.55
N ALA A 428 8.35 5.38 11.56
CA ALA A 428 9.74 4.95 11.41
C ALA A 428 9.84 3.44 11.33
N CYS A 429 8.97 2.72 12.05
CA CYS A 429 8.95 1.26 11.97
C CYS A 429 8.51 0.82 10.58
N ARG A 430 7.49 1.49 10.02
CA ARG A 430 6.98 1.09 8.71
C ARG A 430 7.98 1.37 7.61
N ILE A 431 8.67 2.52 7.69
CA ILE A 431 9.67 2.86 6.67
C ILE A 431 10.87 1.92 6.77
N ALA A 432 11.31 1.62 7.99
CA ALA A 432 12.45 0.73 8.16
C ALA A 432 12.16 -0.66 7.63
N SER A 433 10.96 -1.18 7.89
CA SER A 433 10.57 -2.48 7.35
C SER A 433 10.45 -2.44 5.82
N THR A 434 10.03 -1.30 5.27
CA THR A 434 9.93 -1.17 3.82
C THR A 434 11.31 -1.08 3.19
N LEU A 435 12.25 -0.40 3.85
CA LEU A 435 13.62 -0.33 3.33
C LEU A 435 14.28 -1.70 3.35
N LEU A 436 14.04 -2.49 4.39
CA LEU A 436 14.61 -3.84 4.46
C LEU A 436 14.02 -4.74 3.38
N LEU A 437 12.72 -4.60 3.11
CA LEU A 437 12.09 -5.39 2.06
C LEU A 437 12.66 -5.00 0.69
N TYR A 438 12.89 -3.71 0.46
CA TYR A 438 13.47 -3.28 -0.80
C TYR A 438 14.85 -3.89 -1.01
N GLN A 439 15.69 -3.87 0.03
CA GLN A 439 17.02 -4.44 -0.08
C GLN A 439 16.98 -5.94 -0.32
N GLU A 440 16.07 -6.65 0.36
CA GLU A 440 15.98 -8.09 0.16
C GLU A 440 15.43 -8.42 -1.22
N LEU A 441 14.46 -7.65 -1.71
CA LEU A 441 13.96 -7.87 -3.07
C LEU A 441 15.00 -7.50 -4.11
N MET A 442 15.87 -6.52 -3.81
CA MET A 442 16.98 -6.21 -4.71
C MET A 442 17.99 -7.36 -4.75
N ARG A 443 18.32 -7.93 -3.59
CA ARG A 443 19.27 -9.03 -3.54
C ARG A 443 18.73 -10.24 -4.30
N LYS A 444 17.46 -10.58 -4.07
CA LYS A 444 16.86 -11.72 -4.76
C LYS A 444 16.71 -11.44 -6.26
N GLY A 445 16.28 -10.23 -6.61
CA GLY A 445 16.09 -9.91 -8.02
C GLY A 445 17.39 -9.85 -8.80
N ILE A 446 18.44 -9.34 -8.16
CA ILE A 446 19.75 -9.29 -8.80
C ILE A 446 20.30 -10.70 -9.02
N ARG A 447 20.12 -11.58 -8.03
CA ARG A 447 20.58 -12.95 -8.16
C ARG A 447 19.89 -13.65 -9.33
N TRP A 448 18.56 -13.49 -9.42
CA TRP A 448 17.81 -14.10 -10.51
C TRP A 448 18.21 -13.50 -11.86
N LEU A 449 18.51 -12.21 -11.88
CA LEU A 449 18.90 -11.56 -13.13
C LEU A 449 20.24 -12.08 -13.62
N ILE A 450 21.18 -12.33 -12.71
CA ILE A 450 22.48 -12.86 -13.10
C ILE A 450 22.34 -14.29 -13.62
N GLU A 451 21.55 -15.11 -12.93
CA GLU A 451 21.28 -16.46 -13.42
C GLU A 451 20.44 -16.47 -14.69
N LEU A 452 19.81 -15.34 -15.01
CA LEU A 452 19.08 -15.22 -16.27
C LEU A 452 20.02 -14.85 -17.41
N ILE A 453 20.94 -13.92 -17.17
CA ILE A 453 21.95 -13.58 -18.16
C ILE A 453 22.85 -14.78 -18.43
N LYS A 454 23.09 -15.60 -17.41
CA LYS A 454 23.88 -16.82 -17.60
C LYS A 454 23.22 -17.76 -18.61
N ASP A 455 21.89 -17.80 -18.62
CA ASP A 455 21.18 -18.63 -19.58
C ASP A 455 21.29 -18.06 -20.99
N ASP A 456 21.24 -16.74 -21.12
CA ASP A 456 21.48 -16.12 -22.42
C ASP A 456 22.89 -16.40 -22.91
N TYR A 457 23.87 -16.40 -22.01
CA TYR A 457 25.23 -16.74 -22.37
C TYR A 457 25.33 -18.16 -22.87
N ASN A 458 24.78 -19.12 -22.12
CA ASN A 458 24.81 -20.51 -22.53
C ASN A 458 23.96 -20.78 -23.77
N GLU A 459 23.07 -19.85 -24.12
CA GLU A 459 22.32 -19.98 -25.36
C GLU A 459 23.16 -19.58 -26.56
N THR A 460 23.90 -18.47 -26.45
CA THR A 460 24.76 -18.04 -27.55
C THR A 460 25.91 -19.01 -27.77
N VAL A 461 26.52 -19.49 -26.69
CA VAL A 461 27.58 -20.49 -26.83
C VAL A 461 27.03 -21.76 -27.48
N HIS A 462 25.80 -22.12 -27.12
CA HIS A 462 25.17 -23.28 -27.76
C HIS A 462 24.91 -23.03 -29.24
N LYS A 463 24.65 -21.77 -29.62
CA LYS A 463 24.43 -21.46 -31.03
C LYS A 463 25.75 -21.36 -31.78
N LYS A 464 26.78 -20.79 -31.14
CA LYS A 464 28.09 -20.73 -31.78
C LYS A 464 28.65 -22.12 -32.00
N THR A 465 28.59 -22.97 -30.98
CA THR A 465 29.00 -24.37 -31.14
C THR A 465 28.15 -25.09 -32.17
N GLU A 466 26.94 -24.60 -32.43
CA GLU A 466 26.07 -25.21 -33.43
C GLU A 466 26.41 -24.79 -34.85
N VAL A 467 27.14 -23.69 -35.03
CA VAL A 467 27.46 -23.19 -36.36
C VAL A 467 28.92 -23.43 -36.73
N VAL A 468 29.84 -23.47 -35.76
CA VAL A 468 31.21 -23.86 -36.06
C VAL A 468 31.27 -25.33 -36.45
N ILE A 469 30.29 -26.13 -36.00
CA ILE A 469 30.22 -27.52 -36.40
C ILE A 469 30.04 -27.67 -37.90
N THR A 470 29.63 -26.60 -38.59
CA THR A 470 29.58 -26.57 -40.03
C THR A 470 30.63 -25.67 -40.66
N LEU A 471 31.12 -24.66 -39.93
CA LEU A 471 32.15 -23.79 -40.47
C LEU A 471 33.48 -24.53 -40.61
N ASP A 472 34.04 -25.01 -39.50
CA ASP A 472 35.28 -25.77 -39.54
C ASP A 472 35.12 -27.14 -40.21
N PHE A 473 33.89 -27.52 -40.57
CA PHE A 473 33.63 -28.75 -41.29
C PHE A 473 33.59 -28.51 -42.80
N CYS A 474 32.87 -27.49 -43.24
CA CYS A 474 32.77 -27.19 -44.67
C CYS A 474 34.04 -26.58 -45.24
N ILE A 475 34.88 -25.99 -44.38
CA ILE A 475 36.15 -25.45 -44.88
C ILE A 475 37.06 -26.59 -45.33
N ARG A 476 36.99 -27.75 -44.66
CA ARG A 476 37.73 -28.92 -45.10
C ARG A 476 36.96 -29.72 -46.15
N ASN A 477 35.65 -29.52 -46.26
CA ASN A 477 34.92 -30.04 -47.41
C ASN A 477 35.38 -29.36 -48.70
N ILE A 478 35.86 -28.11 -48.59
CA ILE A 478 36.41 -27.42 -49.76
C ILE A 478 37.75 -28.03 -50.14
N GLU A 479 38.67 -28.16 -49.18
CA GLU A 479 39.96 -28.77 -49.45
C GLU A 479 39.84 -30.25 -49.77
N LYS A 480 38.73 -30.88 -49.39
CA LYS A 480 38.45 -32.25 -49.84
C LYS A 480 38.22 -32.28 -51.35
N THR A 481 37.79 -31.16 -51.93
CA THR A 481 37.63 -31.05 -53.38
C THR A 481 38.85 -30.43 -54.05
N VAL A 482 39.69 -29.72 -53.30
CA VAL A 482 40.88 -29.10 -53.89
C VAL A 482 41.84 -30.18 -54.38
N LYS A 483 42.06 -31.21 -53.58
CA LYS A 483 42.97 -32.29 -53.97
C LYS A 483 42.41 -33.18 -55.06
N VAL A 484 41.17 -32.99 -55.48
CA VAL A 484 40.57 -33.78 -56.55
C VAL A 484 41.08 -33.30 -57.90
N GLU A 500 40.49 -18.07 -57.85
CA GLU A 500 39.26 -18.82 -58.09
C GLU A 500 38.60 -19.27 -56.78
N ILE A 501 38.86 -20.51 -56.38
CA ILE A 501 38.34 -21.04 -55.12
C ILE A 501 38.87 -20.23 -53.94
N SER A 502 40.08 -19.68 -54.08
CA SER A 502 40.68 -18.86 -53.03
C SER A 502 39.79 -17.68 -52.65
N ASP A 503 38.92 -17.22 -53.56
CA ASP A 503 37.96 -16.17 -53.20
C ASP A 503 37.07 -16.61 -52.04
N ILE A 504 36.78 -17.91 -51.95
CA ILE A 504 36.03 -18.41 -50.80
C ILE A 504 36.93 -18.51 -49.58
N HIS A 505 38.10 -19.13 -49.74
CA HIS A 505 39.01 -19.32 -48.61
C HIS A 505 39.45 -17.98 -48.03
N THR A 506 39.92 -17.06 -48.87
CA THR A 506 40.37 -15.76 -48.40
C THR A 506 39.23 -14.93 -47.80
N LYS A 507 37.98 -15.36 -47.95
CA LYS A 507 36.86 -14.74 -47.27
C LYS A 507 36.25 -15.61 -46.18
N LEU A 508 36.24 -16.94 -46.37
CA LEU A 508 35.76 -17.83 -45.31
C LEU A 508 36.67 -17.75 -44.09
N LEU A 509 37.97 -17.54 -44.30
CA LEU A 509 38.88 -17.32 -43.17
C LEU A 509 38.58 -16.02 -42.45
N ARG A 510 37.95 -15.05 -43.12
CA ARG A 510 37.50 -13.84 -42.45
C ARG A 510 36.26 -14.07 -41.59
N LEU A 511 35.74 -15.30 -41.54
CA LEU A 511 34.65 -15.64 -40.62
C LEU A 511 35.20 -16.14 -39.29
N SER A 512 36.08 -17.14 -39.32
CA SER A 512 36.76 -17.57 -38.10
C SER A 512 37.62 -16.45 -37.53
N SER A 513 38.09 -15.54 -38.39
CA SER A 513 38.78 -14.34 -37.91
C SER A 513 37.84 -13.49 -37.06
N SER A 514 36.65 -13.21 -37.57
CA SER A 514 35.65 -12.45 -36.83
C SER A 514 34.87 -13.29 -35.84
N GLN A 515 35.20 -14.58 -35.71
CA GLN A 515 34.56 -15.46 -34.75
C GLN A 515 35.41 -15.68 -33.49
N GLY A 516 36.72 -15.83 -33.66
CA GLY A 516 37.59 -15.87 -32.50
C GLY A 516 37.57 -14.58 -31.71
N THR A 517 37.36 -13.46 -32.39
CA THR A 517 37.17 -12.20 -31.70
C THR A 517 35.93 -12.23 -30.82
N ILE A 518 34.90 -12.98 -31.25
CA ILE A 518 33.72 -13.18 -30.40
C ILE A 518 34.04 -14.16 -29.29
N GLU A 519 34.89 -15.16 -29.57
CA GLU A 519 35.27 -16.14 -28.55
C GLU A 519 35.98 -15.46 -27.39
N THR A 520 37.00 -14.66 -27.68
CA THR A 520 37.69 -13.92 -26.62
C THR A 520 36.80 -12.84 -26.02
N SER A 521 35.76 -12.41 -26.73
CA SER A 521 34.79 -11.46 -26.17
C SER A 521 33.73 -12.15 -25.33
N LEU A 522 33.48 -13.44 -25.54
CA LEU A 522 32.56 -14.17 -24.69
C LEU A 522 33.22 -14.59 -23.39
N GLN A 523 34.46 -15.06 -23.45
CA GLN A 523 35.19 -15.42 -22.22
C GLN A 523 35.41 -14.21 -21.33
N ASP A 524 35.54 -13.03 -21.93
CA ASP A 524 35.63 -11.80 -21.14
C ASP A 524 34.30 -11.49 -20.46
N ILE A 525 33.19 -11.75 -21.15
CA ILE A 525 31.87 -11.58 -20.53
C ILE A 525 31.68 -12.61 -19.41
N ASP A 526 32.10 -13.86 -19.65
CA ASP A 526 32.01 -14.87 -18.61
C ASP A 526 32.90 -14.54 -17.42
N SER A 527 34.03 -13.88 -17.65
CA SER A 527 34.91 -13.50 -16.55
C SER A 527 34.24 -12.50 -15.61
N ARG A 528 33.35 -11.66 -16.13
CA ARG A 528 32.63 -10.73 -15.27
C ARG A 528 31.55 -11.44 -14.48
N LEU A 529 30.98 -12.51 -15.01
CA LEU A 529 29.99 -13.30 -14.29
C LEU A 529 30.60 -14.19 -13.22
N SER A 530 31.92 -14.36 -13.22
CA SER A 530 32.58 -15.09 -12.15
C SER A 530 32.39 -14.36 -10.82
N PRO A 531 32.39 -15.09 -9.70
CA PRO A 531 32.21 -14.43 -8.39
C PRO A 531 33.25 -13.38 -8.07
N GLY A 532 34.34 -13.29 -8.83
CA GLY A 532 35.34 -12.26 -8.62
C GLY A 532 35.34 -11.22 -9.72
N GLY A 533 34.43 -11.34 -10.67
CA GLY A 533 34.36 -10.43 -11.78
C GLY A 533 33.74 -9.09 -11.40
N SER A 534 33.60 -8.24 -12.41
CA SER A 534 33.07 -6.90 -12.19
C SER A 534 31.58 -6.91 -11.83
N LEU A 535 30.87 -7.98 -12.16
CA LEU A 535 29.45 -8.11 -11.81
C LEU A 535 29.28 -9.12 -10.67
N ALA A 536 29.93 -8.82 -9.55
CA ALA A 536 29.86 -9.69 -8.39
C ALA A 536 28.50 -9.59 -7.72
N ASP A 537 28.19 -10.59 -6.89
CA ASP A 537 26.94 -10.66 -6.15
C ASP A 537 27.16 -10.58 -4.64
N ALA A 538 28.37 -10.20 -4.20
CA ALA A 538 28.71 -10.21 -2.79
C ALA A 538 28.49 -8.88 -2.10
N TRP A 539 28.57 -7.76 -2.82
CA TRP A 539 28.39 -6.46 -2.19
C TRP A 539 26.99 -6.30 -1.61
N ALA A 540 26.00 -6.98 -2.20
CA ALA A 540 24.66 -6.98 -1.65
C ALA A 540 24.61 -7.67 -0.29
N HIS A 541 25.49 -8.66 -0.08
CA HIS A 541 25.63 -9.32 1.20
C HIS A 541 26.56 -8.57 2.15
N GLN A 542 27.16 -7.47 1.70
CA GLN A 542 28.04 -6.65 2.53
C GLN A 542 27.45 -5.29 2.88
N GLU A 543 26.57 -4.75 2.04
CA GLU A 543 25.97 -3.43 2.27
C GLU A 543 24.52 -3.58 2.69
N GLY A 544 24.01 -2.53 3.32
CA GLY A 544 22.62 -2.50 3.74
C GLY A 544 22.36 -3.34 4.99
N THR A 545 21.09 -3.43 5.34
CA THR A 545 20.65 -4.19 6.50
C THR A 545 20.06 -5.53 6.06
N HIS A 546 20.07 -6.48 7.00
CA HIS A 546 19.59 -7.83 6.77
C HIS A 546 18.59 -8.20 7.85
N PRO A 547 17.72 -9.17 7.60
CA PRO A 547 16.79 -9.61 8.64
C PRO A 547 17.49 -10.13 9.89
N LYS A 548 18.72 -10.66 9.75
CA LYS A 548 19.46 -11.11 10.92
C LYS A 548 19.94 -9.95 11.77
N ASP A 549 19.93 -8.73 11.25
CA ASP A 549 20.23 -7.57 12.09
C ASP A 549 19.11 -7.28 13.07
N ARG A 550 17.87 -7.63 12.70
CA ARG A 550 16.69 -7.46 13.56
C ARG A 550 16.53 -6.01 14.00
N ASN A 551 16.73 -5.08 13.07
CA ASN A 551 16.54 -3.67 13.38
C ASN A 551 15.06 -3.33 13.52
N VAL A 552 14.20 -3.98 12.74
CA VAL A 552 12.76 -3.73 12.83
C VAL A 552 12.25 -4.17 14.19
N GLU A 553 12.76 -5.28 14.72
CA GLU A 553 12.33 -5.76 16.03
C GLU A 553 12.76 -4.82 17.15
N LYS A 554 13.95 -4.23 17.02
CA LYS A 554 14.41 -3.28 18.02
C LYS A 554 13.54 -2.04 18.05
N LEU A 555 13.16 -1.53 16.87
CA LEU A 555 12.27 -0.37 16.82
C LEU A 555 10.88 -0.71 17.33
N GLN A 556 10.41 -1.93 17.07
CA GLN A 556 9.09 -2.33 17.54
C GLN A 556 9.07 -2.54 19.05
N VAL A 557 10.21 -2.91 19.64
CA VAL A 557 10.28 -3.07 21.09
C VAL A 557 10.16 -1.71 21.77
N LEU A 558 10.94 -0.73 21.31
CA LEU A 558 10.79 0.63 21.82
C LEU A 558 9.41 1.18 21.52
N LEU A 559 8.81 0.75 20.40
CA LEU A 559 7.46 1.20 20.07
C LEU A 559 6.43 0.62 21.04
N ASN A 560 6.59 -0.65 21.43
CA ASN A 560 5.68 -1.24 22.39
C ASN A 560 5.79 -0.59 23.76
N CYS A 561 7.00 -0.16 24.15
CA CYS A 561 7.14 0.57 25.41
C CYS A 561 6.48 1.94 25.33
N MET A 562 6.62 2.62 24.19
CA MET A 562 5.96 3.90 24.02
C MET A 562 4.45 3.75 23.94
N THR A 563 3.96 2.66 23.34
CA THR A 563 2.53 2.42 23.28
C THR A 563 1.97 2.11 24.67
N GLU A 564 2.74 1.40 25.49
CA GLU A 564 2.31 1.13 26.85
C GLU A 564 2.18 2.42 27.66
N ILE A 565 3.11 3.35 27.46
CA ILE A 565 3.05 4.62 28.18
C ILE A 565 1.89 5.47 27.64
N TYR A 566 1.70 5.48 26.32
CA TYR A 566 0.62 6.26 25.74
C TYR A 566 -0.74 5.75 26.20
N TYR A 567 -0.92 4.43 26.24
CA TYR A 567 -2.20 3.87 26.69
C TYR A 567 -2.45 4.19 28.15
N GLN A 568 -1.39 4.23 28.97
CA GLN A 568 -1.56 4.65 30.36
C GLN A 568 -1.89 6.13 30.46
N PHE A 569 -1.32 6.95 29.57
CA PHE A 569 -1.72 8.35 29.50
C PHE A 569 -3.18 8.49 29.05
N LYS A 570 -3.65 7.56 28.23
CA LYS A 570 -5.07 7.56 27.84
C LYS A 570 -5.97 7.26 29.03
N LYS A 571 -5.50 6.42 29.96
CA LYS A 571 -6.25 6.19 31.19
C LYS A 571 -6.18 7.39 32.12
N ASP A 572 -5.05 8.10 32.13
CA ASP A 572 -4.90 9.25 33.00
C ASP A 572 -5.77 10.43 32.56
N LYS A 573 -5.97 10.59 31.25
CA LYS A 573 -6.77 11.71 30.76
C LYS A 573 -8.22 11.60 31.23
N ALA A 574 -8.76 10.38 31.27
CA ALA A 574 -10.11 10.18 31.76
C ALA A 574 -10.23 10.56 33.24
N GLU A 575 -9.47 9.89 34.09
CA GLU A 575 -9.41 10.25 35.50
C GLU A 575 -8.70 11.58 35.65
N ARG A 576 -9.46 12.69 35.55
CA ARG A 576 -8.89 14.01 35.40
C ARG A 576 -8.01 14.43 36.58
N ARG A 577 -8.00 13.67 37.67
CA ARG A 577 -7.13 13.96 38.82
C ARG A 577 -6.39 12.68 39.19
N LEU A 578 -5.09 12.81 39.42
CA LEU A 578 -4.24 11.70 39.84
C LEU A 578 -3.72 11.95 41.26
N ALA A 579 -3.13 10.91 41.83
CA ALA A 579 -2.51 11.03 43.14
C ALA A 579 -1.06 11.48 42.99
N TYR A 580 -0.43 11.77 44.13
CA TYR A 580 0.95 12.26 44.12
C TYR A 580 1.90 11.22 43.53
N ASN A 581 1.79 9.97 43.99
CA ASN A 581 2.67 8.92 43.47
C ASN A 581 2.37 8.64 42.01
N GLU A 582 1.09 8.58 41.63
CA GLU A 582 0.74 8.38 40.23
C GLU A 582 1.18 9.56 39.38
N GLU A 583 1.22 10.77 39.96
CA GLU A 583 1.70 11.93 39.23
C GLU A 583 3.18 11.82 38.91
N GLN A 584 3.98 11.37 39.88
CA GLN A 584 5.41 11.20 39.64
C GLN A 584 5.66 10.11 38.60
N ILE A 585 4.87 9.04 38.62
CA ILE A 585 4.97 7.99 37.62
C ILE A 585 4.63 8.55 36.24
N HIS A 586 3.64 9.44 36.17
CA HIS A 586 3.25 10.04 34.90
C HIS A 586 4.40 10.85 34.30
N LYS A 587 5.08 11.65 35.12
CA LYS A 587 6.19 12.44 34.63
C LYS A 587 7.45 11.60 34.41
N PHE A 588 7.65 10.56 35.22
CA PHE A 588 8.77 9.65 34.99
C PHE A 588 8.65 8.98 33.64
N ASP A 589 7.44 8.51 33.29
CA ASP A 589 7.24 7.85 32.01
C ASP A 589 7.25 8.82 30.84
N LYS A 590 6.98 10.11 31.08
CA LYS A 590 7.09 11.09 30.00
C LYS A 590 8.55 11.31 29.61
N GLN A 591 9.44 11.41 30.60
CA GLN A 591 10.86 11.47 30.30
C GLN A 591 11.34 10.19 29.64
N LYS A 592 10.74 9.06 30.01
CA LYS A 592 11.07 7.80 29.34
C LYS A 592 10.57 7.78 27.90
N LEU A 593 9.49 8.50 27.61
CA LEU A 593 9.02 8.62 26.23
C LEU A 593 10.04 9.36 25.37
N TYR A 594 10.63 10.43 25.92
CA TYR A 594 11.64 11.16 25.18
C TYR A 594 12.86 10.31 24.92
N TYR A 595 13.33 9.59 25.95
CA TYR A 595 14.51 8.75 25.79
C TYR A 595 14.25 7.59 24.84
N HIS A 596 13.04 7.03 24.88
CA HIS A 596 12.72 5.91 23.99
C HIS A 596 12.71 6.34 22.54
N ALA A 597 12.02 7.44 22.24
CA ALA A 597 11.93 7.91 20.86
C ALA A 597 13.27 8.45 20.36
N THR A 598 14.06 9.08 21.24
CA THR A 598 15.38 9.55 20.84
C THR A 598 16.27 8.38 20.45
N LYS A 599 16.27 7.31 21.26
CA LYS A 599 17.06 6.14 20.93
C LYS A 599 16.55 5.45 19.67
N ALA A 600 15.24 5.48 19.43
CA ALA A 600 14.69 4.86 18.23
C ALA A 600 15.08 5.64 16.98
N MET A 601 14.94 6.96 17.02
CA MET A 601 15.31 7.78 15.87
C MET A 601 16.81 7.74 15.61
N THR A 602 17.62 7.65 16.68
CA THR A 602 19.07 7.55 16.48
C THR A 602 19.44 6.24 15.80
N HIS A 603 18.88 5.13 16.27
CA HIS A 603 19.15 3.84 15.62
C HIS A 603 18.57 3.77 14.21
N PHE A 604 17.54 4.57 13.92
CA PHE A 604 16.93 4.54 12.59
C PHE A 604 17.79 5.28 11.57
N THR A 605 18.16 6.53 11.88
CA THR A 605 18.90 7.34 10.93
C THR A 605 20.35 6.89 10.84
N ASP A 606 20.99 6.63 11.98
CA ASP A 606 22.41 6.29 12.02
C ASP A 606 22.69 4.81 11.78
N GLU A 607 21.75 4.07 11.19
CA GLU A 607 21.97 2.66 10.91
C GLU A 607 21.06 2.15 9.79
N CYS A 608 19.74 2.25 10.00
CA CYS A 608 18.81 1.76 9.00
C CYS A 608 18.87 2.59 7.72
N VAL A 609 18.85 3.92 7.86
CA VAL A 609 18.84 4.79 6.69
C VAL A 609 20.24 4.85 6.06
N LYS A 610 21.28 4.97 6.90
CA LYS A 610 22.63 5.16 6.39
C LYS A 610 23.08 3.96 5.57
N LYS A 611 22.89 2.75 6.11
CA LYS A 611 23.28 1.56 5.36
C LYS A 611 22.38 1.33 4.16
N TYR A 612 21.13 1.80 4.21
CA TYR A 612 20.26 1.72 3.04
C TYR A 612 20.77 2.61 1.92
N GLU A 613 21.15 3.85 2.25
CA GLU A 613 21.70 4.75 1.23
C GLU A 613 23.01 4.21 0.65
N ALA A 614 23.79 3.50 1.46
CA ALA A 614 25.04 2.91 0.96
C ALA A 614 24.74 1.73 0.04
N PHE A 615 23.76 0.91 0.39
CA PHE A 615 23.38 -0.21 -0.46
C PHE A 615 22.80 0.28 -1.78
N LEU A 616 21.99 1.34 -1.73
CA LEU A 616 21.38 1.87 -2.96
C LEU A 616 22.42 2.55 -3.83
N ASN A 617 23.31 3.35 -3.22
CA ASN A 617 24.33 4.05 -4.01
C ASN A 617 25.28 3.06 -4.67
N LYS A 618 25.65 1.99 -3.97
CA LYS A 618 26.46 0.95 -4.57
C LYS A 618 25.67 0.10 -5.57
N SER A 619 24.34 0.14 -5.50
CA SER A 619 23.53 -0.62 -6.45
C SER A 619 23.38 0.10 -7.78
N GLU A 620 23.46 1.43 -7.78
CA GLU A 620 23.27 2.19 -9.02
C GLU A 620 24.43 1.93 -9.99
N GLU A 621 25.66 1.86 -9.48
CA GLU A 621 26.80 1.58 -10.36
C GLU A 621 26.76 0.15 -10.89
N TRP A 622 26.20 -0.78 -10.12
CA TRP A 622 26.03 -2.14 -10.63
C TRP A 622 24.93 -2.20 -11.67
N ILE A 623 23.92 -1.34 -11.56
CA ILE A 623 22.88 -1.28 -12.59
C ILE A 623 23.46 -0.81 -13.91
N ARG A 624 24.32 0.22 -13.87
CA ARG A 624 24.93 0.73 -15.08
C ARG A 624 25.86 -0.31 -15.71
N LYS A 625 26.66 -0.99 -14.90
CA LYS A 625 27.57 -2.00 -15.42
C LYS A 625 26.81 -3.22 -15.95
N MET A 626 25.66 -3.54 -15.34
CA MET A 626 24.86 -4.67 -15.82
C MET A 626 24.28 -4.37 -17.19
N LEU A 627 23.72 -3.18 -17.37
CA LEU A 627 23.16 -2.80 -18.67
C LEU A 627 24.25 -2.71 -19.73
N HIS A 628 25.48 -2.35 -19.33
CA HIS A 628 26.58 -2.34 -20.27
C HIS A 628 26.93 -3.75 -20.73
N LEU A 629 26.84 -4.72 -19.82
CA LEU A 629 27.14 -6.11 -20.19
C LEU A 629 26.04 -6.69 -21.07
N ARG A 630 24.79 -6.36 -20.79
CA ARG A 630 23.69 -6.83 -21.64
C ARG A 630 23.79 -6.26 -23.04
N LYS A 631 24.26 -5.01 -23.17
CA LYS A 631 24.42 -4.43 -24.49
C LYS A 631 25.52 -5.11 -25.28
N GLN A 632 26.64 -5.42 -24.62
CA GLN A 632 27.72 -6.12 -25.30
C GLN A 632 27.32 -7.55 -25.66
N LEU A 633 26.65 -8.26 -24.74
CA LEU A 633 26.24 -9.62 -25.01
C LEU A 633 25.22 -9.68 -26.15
N LEU A 634 24.35 -8.67 -26.26
CA LEU A 634 23.40 -8.64 -27.36
C LEU A 634 24.12 -8.45 -28.69
N SER A 635 25.17 -7.63 -28.72
CA SER A 635 25.95 -7.47 -29.93
C SER A 635 26.65 -8.77 -30.31
N LEU A 636 27.32 -9.39 -29.35
CA LEU A 636 27.98 -10.67 -29.60
C LEU A 636 26.98 -11.78 -29.91
N THR A 637 25.71 -11.60 -29.55
CA THR A 637 24.69 -12.60 -29.89
C THR A 637 24.23 -12.45 -31.34
N ASN A 638 23.89 -11.22 -31.74
CA ASN A 638 23.41 -10.98 -33.10
C ASN A 638 24.49 -11.19 -34.14
N GLN A 639 25.77 -11.05 -33.77
CA GLN A 639 26.84 -11.33 -34.71
C GLN A 639 26.87 -12.81 -35.09
N CYS A 640 26.57 -13.68 -34.13
CA CYS A 640 26.52 -15.12 -34.43
C CYS A 640 25.36 -15.44 -35.36
N PHE A 641 24.28 -14.67 -35.31
CA PHE A 641 23.16 -14.88 -36.21
C PHE A 641 23.49 -14.38 -37.62
N ASP A 642 24.09 -13.19 -37.72
CA ASP A 642 24.48 -12.66 -39.02
C ASP A 642 25.60 -13.47 -39.65
N ILE A 643 26.34 -14.25 -38.86
CA ILE A 643 27.39 -15.11 -39.41
C ILE A 643 26.82 -16.47 -39.80
N GLU A 644 25.88 -17.01 -39.02
CA GLU A 644 25.29 -18.31 -39.37
C GLU A 644 24.50 -18.26 -40.66
N GLU A 645 24.01 -17.08 -41.06
CA GLU A 645 23.37 -16.95 -42.36
C GLU A 645 24.38 -16.93 -43.50
N GLU A 646 25.63 -16.59 -43.23
CA GLU A 646 26.67 -16.64 -44.25
C GLU A 646 27.23 -18.04 -44.40
N VAL A 647 27.35 -18.78 -43.30
CA VAL A 647 27.77 -20.19 -43.38
C VAL A 647 26.72 -20.99 -44.12
N SER A 648 25.43 -20.72 -43.85
CA SER A 648 24.35 -21.34 -44.61
C SER A 648 24.33 -20.85 -46.06
N LYS A 649 24.90 -19.68 -46.33
CA LYS A 649 24.97 -19.15 -47.69
C LYS A 649 26.07 -19.85 -48.49
N TYR A 650 27.16 -20.24 -47.85
CA TYR A 650 28.30 -20.83 -48.54
C TYR A 650 28.35 -22.35 -48.44
N GLN A 651 27.49 -22.97 -47.62
CA GLN A 651 27.48 -24.42 -47.53
C GLN A 651 26.95 -25.07 -48.79
N GLU A 652 26.24 -24.32 -49.63
CA GLU A 652 25.66 -24.87 -50.85
C GLU A 652 26.29 -24.33 -52.12
N TYR A 653 26.91 -23.14 -52.08
CA TYR A 653 27.56 -22.59 -53.27
C TYR A 653 28.67 -23.50 -53.77
N THR A 654 29.34 -24.21 -52.87
CA THR A 654 30.44 -25.09 -53.25
C THR A 654 29.97 -26.33 -53.98
N ASN A 655 28.67 -26.59 -54.04
CA ASN A 655 28.11 -27.74 -54.75
C ASN A 655 27.58 -27.27 -56.09
N GLU A 656 28.39 -27.45 -57.14
CA GLU A 656 28.02 -27.01 -58.48
C GLU A 656 27.15 -28.05 -59.18
N LEU A 657 26.77 -27.75 -60.41
CA LEU A 657 26.02 -28.69 -61.23
C LEU A 657 26.97 -29.60 -61.98
N GLN A 658 26.53 -30.83 -62.24
CA GLN A 658 27.36 -31.84 -62.84
C GLN A 658 26.84 -32.23 -64.22
N GLU A 659 27.76 -32.62 -65.10
CA GLU A 659 27.44 -33.04 -66.46
C GLU A 659 27.03 -34.50 -66.41
N THR A 660 25.73 -34.74 -66.23
CA THR A 660 25.20 -36.11 -66.17
C THR A 660 23.90 -36.22 -66.95
C01 E0P B . -25.46 3.41 18.96
C02 E0P B . -24.52 2.37 18.34
C04 E0P B . -23.12 0.62 19.22
C06 E0P B . -21.88 0.16 19.92
C07 E0P B . -20.82 1.01 20.26
C08 E0P B . -19.67 0.61 20.91
C09 E0P B . -18.48 1.46 21.28
C11 E0P B . -17.36 0.93 22.12
C12 E0P B . -16.31 1.72 22.62
C13 E0P B . -15.24 1.24 23.39
C14 E0P B . -14.10 2.15 23.91
C15 E0P B . -13.66 1.88 25.35
C16 E0P B . -14.43 3.65 23.77
C17 E0P B . -15.31 -0.13 23.64
C18 E0P B . -16.34 -0.97 23.17
C19 E0P B . -17.40 -0.45 22.38
C21 E0P B . -19.55 -0.76 21.25
C23 E0P B . -21.71 -1.21 20.30
N22 E0P B . -20.54 -1.65 20.96
N24 E0P B . -22.68 -2.11 20.02
O03 E0P B . -23.51 1.94 19.24
O05 E0P B . -23.81 -0.17 18.63
O10 E0P B . -18.47 2.60 20.88
O20 E0P B . -18.42 -1.26 21.90
#